data_2IZU
#
_entry.id   2IZU
#
_cell.length_a   56.903
_cell.length_b   56.903
_cell.length_c   222.529
_cell.angle_alpha   90.00
_cell.angle_beta   90.00
_cell.angle_gamma   120.00
#
_symmetry.space_group_name_H-M   'P 31 2 1'
#
loop_
_entity.id
_entity.type
_entity.pdbx_description
1 polymer 'CASEIN KINASE I ISOFORM GAMMA-3'
2 non-polymer 2-({6-[(3-CHLOROPHENYL)AMINO]-9-ISOPROPYL-9H-PURIN-2-YL}AMINO)-3-METHYLBUTAN-1-OL
3 non-polymer 1,2-ETHANEDIOL
4 non-polymer 'PHOSPHATE ION'
5 water water
#
_entity_poly.entity_id   1
_entity_poly.type   'polypeptide(L)'
_entity_poly.pdbx_seq_one_letter_code
;SMGVLMVGPNFRVGKKIGCGNFGELRLGKNLYTNEYVAIKLEPMKSRAPQLHLEYRFYKQLGSGDGIPQVYYFGPCGKYN
AMVLELLGPSLEDLFDLCDRTFSLKTVLMIAIQLISRMEYVHSKNLIYRDVKPENFLIGRPGNKTQQVIHIIDFALAKEY
IDPETKKHIPYREHKSLTGTARYMSINTHLGKEQSRRDDLEALGHMFMYFLRGSLPWQGLKADTLKERYQKIGDTKRATP
IEVLCENFPEMATYLRYVRRLDFFEKPDYDYLRKLFTDLFDRKGYMFDYEYDWIGKQLPTPVGAVQQDPALSSNREAHQH
RDKMQQSKNQ
;
_entity_poly.pdbx_strand_id   A
#
loop_
_chem_comp.id
_chem_comp.type
_chem_comp.name
_chem_comp.formula
EDO non-polymer 1,2-ETHANEDIOL 'C2 H6 O2'
P01 non-polymer 2-({6-[(3-CHLOROPHENYL)AMINO]-9-ISOPROPYL-9H-PURIN-2-YL}AMINO)-3-METHYLBUTAN-1-OL 'C19 H25 Cl N6 O'
PO4 non-polymer 'PHOSPHATE ION' 'O4 P -3'
#
# COMPACT_ATOMS: atom_id res chain seq x y z
N VAL A 4 -5.46 29.66 -15.86
CA VAL A 4 -6.03 28.40 -15.32
C VAL A 4 -5.22 27.21 -15.85
N LEU A 5 -4.73 26.37 -14.94
CA LEU A 5 -3.97 25.17 -15.31
C LEU A 5 -4.92 24.07 -15.77
N MET A 6 -4.65 23.54 -16.97
CA MET A 6 -5.40 22.45 -17.56
C MET A 6 -4.46 21.32 -17.93
N VAL A 7 -4.96 20.11 -17.87
CA VAL A 7 -4.26 18.94 -18.41
C VAL A 7 -5.14 18.38 -19.52
N GLY A 8 -4.54 18.16 -20.68
CA GLY A 8 -5.28 17.72 -21.82
C GLY A 8 -6.33 18.75 -22.18
N PRO A 9 -7.33 18.33 -22.96
CA PRO A 9 -8.37 19.26 -23.38
C PRO A 9 -9.40 19.59 -22.30
N ASN A 10 -9.44 18.79 -21.24
CA ASN A 10 -10.66 18.71 -20.40
C ASN A 10 -10.51 18.62 -18.88
N PHE A 11 -9.28 18.44 -18.39
CA PHE A 11 -9.07 18.30 -16.95
C PHE A 11 -8.57 19.59 -16.36
N ARG A 12 -9.37 20.17 -15.47
CA ARG A 12 -9.02 21.39 -14.80
C ARG A 12 -8.30 21.04 -13.51
N VAL A 13 -7.20 21.73 -13.25
CA VAL A 13 -6.41 21.49 -12.06
C VAL A 13 -6.83 22.46 -10.95
N GLY A 14 -7.23 21.93 -9.81
CA GLY A 14 -7.71 22.75 -8.69
C GLY A 14 -6.75 22.79 -7.52
N LYS A 15 -7.31 22.92 -6.30
CA LYS A 15 -6.50 23.11 -5.08
C LYS A 15 -5.63 21.92 -4.72
N LYS A 16 -4.55 22.21 -4.00
CA LYS A 16 -3.69 21.17 -3.44
C LYS A 16 -4.46 20.43 -2.35
N ILE A 17 -4.44 19.10 -2.41
CA ILE A 17 -5.06 18.26 -1.38
C ILE A 17 -4.04 17.41 -0.64
N GLY A 18 -2.77 17.51 -1.02
CA GLY A 18 -1.71 16.74 -0.37
C GLY A 18 -0.39 16.84 -1.11
N CYS A 19 0.66 16.27 -0.51
CA CYS A 19 1.98 16.19 -1.14
C CYS A 19 2.38 14.74 -1.23
N PHE A 22 7.48 13.16 -3.61
CA PHE A 22 7.58 13.55 -5.01
C PHE A 22 6.27 14.20 -5.52
N GLY A 23 6.30 15.51 -5.67
CA GLY A 23 5.21 16.27 -6.27
C GLY A 23 4.08 16.68 -5.33
N GLU A 24 3.06 17.32 -5.91
CA GLU A 24 1.84 17.68 -5.21
C GLU A 24 0.69 16.83 -5.73
N LEU A 25 -0.31 16.63 -4.88
CA LEU A 25 -1.59 16.09 -5.33
C LEU A 25 -2.62 17.21 -5.35
N ARG A 26 -3.29 17.35 -6.49
CA ARG A 26 -4.36 18.34 -6.66
C ARG A 26 -5.71 17.72 -6.86
N LEU A 27 -6.72 18.41 -6.36
CA LEU A 27 -8.09 18.15 -6.77
C LEU A 27 -8.22 18.61 -8.23
N GLY A 28 -8.86 17.79 -9.05
CA GLY A 28 -9.12 18.18 -10.44
C GLY A 28 -10.57 17.92 -10.78
N LYS A 29 -10.97 18.39 -11.95
CA LYS A 29 -12.30 18.15 -12.47
C LYS A 29 -12.24 17.86 -13.95
N ASN A 30 -12.87 16.75 -14.34
CA ASN A 30 -13.15 16.48 -15.73
C ASN A 30 -14.35 17.33 -16.15
N LEU A 31 -14.07 18.41 -16.85
CA LEU A 31 -15.11 19.33 -17.29
C LEU A 31 -16.07 18.72 -18.32
N TYR A 32 -15.59 17.73 -19.05
CA TYR A 32 -16.44 17.08 -20.05
C TYR A 32 -17.52 16.18 -19.40
N THR A 33 -17.26 15.71 -18.19
CA THR A 33 -18.15 14.74 -17.53
C THR A 33 -18.67 15.16 -16.16
N ASN A 34 -18.27 16.34 -15.68
CA ASN A 34 -18.69 16.85 -14.39
C ASN A 34 -18.30 15.89 -13.27
N GLU A 35 -17.06 15.42 -13.32
CA GLU A 35 -16.54 14.45 -12.36
C GLU A 35 -15.24 14.97 -11.76
N TYR A 36 -15.12 14.87 -10.46
CA TYR A 36 -13.86 15.19 -9.79
C TYR A 36 -12.87 14.04 -9.97
N VAL A 37 -11.59 14.40 -10.07
CA VAL A 37 -10.51 13.45 -10.27
C VAL A 37 -9.34 13.87 -9.38
N ALA A 38 -8.34 12.99 -9.27
CA ALA A 38 -7.06 13.35 -8.61
C ALA A 38 -6.03 13.65 -9.69
N ILE A 39 -5.22 14.69 -9.47
CA ILE A 39 -4.14 15.04 -10.39
C ILE A 39 -2.82 15.13 -9.62
N LYS A 40 -1.92 14.21 -9.95
CA LYS A 40 -0.58 14.19 -9.39
C LYS A 40 0.31 15.00 -10.34
N LEU A 41 1.01 15.99 -9.77
CA LEU A 41 1.90 16.86 -10.51
C LEU A 41 3.34 16.55 -10.12
N GLU A 42 4.23 16.53 -11.11
CA GLU A 42 5.67 16.47 -10.88
C GLU A 42 6.36 17.56 -11.70
N PRO A 43 7.19 18.41 -11.07
CA PRO A 43 7.91 19.42 -11.84
C PRO A 43 8.69 18.82 -13.01
N MET A 44 8.55 19.41 -14.19
CA MET A 44 9.36 19.00 -15.34
C MET A 44 10.86 19.11 -15.05
N LYS A 45 11.24 20.08 -14.22
CA LYS A 45 12.63 20.30 -13.83
C LYS A 45 13.21 19.23 -12.89
N SER A 46 12.36 18.35 -12.37
CA SER A 46 12.76 17.34 -11.40
C SER A 46 14.04 16.57 -11.73
N ARG A 47 14.91 16.45 -10.73
CA ARG A 47 16.03 15.53 -10.76
C ARG A 47 15.50 14.22 -10.18
N ALA A 48 15.60 13.14 -10.95
CA ALA A 48 15.00 11.84 -10.58
C ALA A 48 13.47 11.83 -10.75
N PRO A 49 12.99 11.96 -12.01
CA PRO A 49 11.55 11.88 -12.26
C PRO A 49 11.00 10.50 -11.91
N GLN A 50 9.78 10.47 -11.40
CA GLN A 50 9.13 9.21 -11.03
C GLN A 50 7.75 9.06 -11.67
N LEU A 51 7.15 10.15 -12.17
CA LEU A 51 5.72 10.12 -12.52
C LEU A 51 5.46 9.22 -13.73
N HIS A 52 6.29 9.34 -14.77
CA HIS A 52 6.15 8.51 -15.98
C HIS A 52 6.31 7.02 -15.67
N LEU A 53 7.19 6.69 -14.73
CA LEU A 53 7.40 5.30 -14.33
C LEU A 53 6.17 4.77 -13.59
N GLU A 54 5.61 5.58 -12.71
CA GLU A 54 4.38 5.23 -12.03
C GLU A 54 3.22 4.98 -13.02
N TYR A 55 3.07 5.88 -13.99
CA TYR A 55 2.04 5.76 -15.01
C TYR A 55 2.19 4.44 -15.77
N ARG A 56 3.42 4.09 -16.14
CA ARG A 56 3.69 2.81 -16.83
C ARG A 56 3.27 1.61 -15.97
N PHE A 57 3.55 1.65 -14.67
CA PHE A 57 3.12 0.57 -13.77
C PHE A 57 1.60 0.47 -13.67
N TYR A 58 0.92 1.62 -13.50
CA TYR A 58 -0.54 1.66 -13.49
C TYR A 58 -1.11 1.04 -14.76
N LYS A 59 -0.50 1.35 -15.91
CA LYS A 59 -0.96 0.78 -17.18
C LYS A 59 -0.74 -0.72 -17.25
N GLN A 60 0.38 -1.19 -16.70
CA GLN A 60 0.64 -2.62 -16.61
C GLN A 60 -0.37 -3.34 -15.70
N LEU A 61 -0.81 -2.68 -14.63
CA LEU A 61 -1.81 -3.25 -13.72
C LEU A 61 -3.16 -3.36 -14.38
N GLY A 62 -3.46 -2.38 -15.21
CA GLY A 62 -4.73 -2.32 -15.90
C GLY A 62 -5.90 -2.09 -14.97
N SER A 63 -7.05 -2.60 -15.41
CA SER A 63 -8.30 -2.43 -14.72
C SER A 63 -8.41 -3.61 -13.80
N GLY A 64 -8.38 -3.35 -12.51
CA GLY A 64 -8.43 -4.38 -11.49
C GLY A 64 -9.19 -3.83 -10.30
N ASP A 65 -9.78 -4.73 -9.54
CA ASP A 65 -10.50 -4.41 -8.32
C ASP A 65 -9.54 -3.71 -7.36
N GLY A 66 -9.92 -2.52 -6.89
CA GLY A 66 -9.12 -1.79 -5.92
C GLY A 66 -7.88 -1.14 -6.50
N ILE A 67 -7.77 -1.11 -7.83
CA ILE A 67 -6.70 -0.41 -8.52
C ILE A 67 -7.27 0.91 -9.08
N PRO A 68 -6.71 2.05 -8.68
CA PRO A 68 -7.20 3.35 -9.17
C PRO A 68 -7.19 3.42 -10.69
N GLN A 69 -8.28 3.89 -11.29
CA GLN A 69 -8.33 4.14 -12.75
C GLN A 69 -7.42 5.30 -13.11
N VAL A 70 -6.71 5.20 -14.23
CA VAL A 70 -5.87 6.27 -14.73
C VAL A 70 -6.49 6.79 -16.03
N TYR A 71 -6.59 8.11 -16.13
CA TYR A 71 -7.32 8.76 -17.22
C TYR A 71 -6.45 9.51 -18.21
N TYR A 72 -5.31 10.02 -17.76
CA TYR A 72 -4.49 10.85 -18.62
C TYR A 72 -3.10 11.02 -18.03
N PHE A 73 -2.13 11.15 -18.94
CA PHE A 73 -0.79 11.58 -18.60
C PHE A 73 -0.37 12.62 -19.63
N GLY A 74 0.06 13.78 -19.15
CA GLY A 74 0.60 14.79 -20.03
C GLY A 74 1.06 16.06 -19.36
N PRO A 75 1.59 17.00 -20.17
CA PRO A 75 2.16 18.23 -19.64
C PRO A 75 1.11 19.22 -19.16
N CYS A 76 1.50 19.99 -18.15
CA CYS A 76 0.62 20.89 -17.47
C CYS A 76 1.46 22.05 -16.94
N GLY A 77 1.52 23.14 -17.69
CA GLY A 77 2.43 24.24 -17.39
C GLY A 77 3.84 23.70 -17.26
N LYS A 78 4.45 23.95 -16.10
CA LYS A 78 5.82 23.48 -15.81
C LYS A 78 5.85 22.08 -15.18
N TYR A 79 4.72 21.37 -15.24
CA TYR A 79 4.60 20.06 -14.63
C TYR A 79 4.30 18.98 -15.66
N ASN A 80 4.70 17.75 -15.32
CA ASN A 80 4.05 16.56 -15.83
C ASN A 80 2.91 16.19 -14.89
N ALA A 81 1.80 15.77 -15.46
CA ALA A 81 0.55 15.56 -14.72
C ALA A 81 0.03 14.17 -15.02
N MET A 82 -0.42 13.49 -13.98
CA MET A 82 -1.11 12.22 -14.14
C MET A 82 -2.51 12.39 -13.52
N VAL A 83 -3.53 12.07 -14.31
CA VAL A 83 -4.91 12.24 -13.89
C VAL A 83 -5.45 10.85 -13.61
N LEU A 84 -5.95 10.68 -12.39
CA LEU A 84 -6.45 9.40 -11.87
C LEU A 84 -7.75 9.58 -11.08
N GLU A 85 -8.33 8.42 -10.79
CA GLU A 85 -9.50 8.31 -9.95
C GLU A 85 -9.23 8.89 -8.55
N LEU A 86 -10.16 9.75 -8.12
CA LEU A 86 -10.13 10.38 -6.81
C LEU A 86 -10.67 9.42 -5.78
N LEU A 87 -9.92 9.27 -4.70
CA LEU A 87 -10.25 8.32 -3.66
C LEU A 87 -10.40 9.04 -2.32
N GLY A 88 -10.86 8.31 -1.31
CA GLY A 88 -11.12 8.87 0.00
C GLY A 88 -9.93 8.80 0.92
N PRO A 89 -10.18 8.90 2.24
CA PRO A 89 -9.08 8.83 3.22
C PRO A 89 -8.30 7.51 3.24
N SER A 90 -7.06 7.59 3.71
CA SER A 90 -6.21 6.42 3.85
C SER A 90 -6.50 5.67 5.12
N LEU A 91 -5.98 4.44 5.20
CA LEU A 91 -6.08 3.65 6.45
C LEU A 91 -5.42 4.35 7.65
N GLU A 92 -4.35 5.11 7.44
CA GLU A 92 -3.74 5.87 8.53
C GLU A 92 -4.69 6.94 9.04
N ASP A 93 -5.29 7.70 8.12
CA ASP A 93 -6.31 8.69 8.45
C ASP A 93 -7.44 8.06 9.25
N LEU A 94 -7.94 6.93 8.76
CA LEU A 94 -9.07 6.27 9.42
C LEU A 94 -8.66 5.67 10.78
N PHE A 95 -7.41 5.22 10.86
CA PHE A 95 -6.85 4.67 12.11
C PHE A 95 -6.86 5.77 13.19
N ASP A 96 -6.43 6.98 12.79
CA ASP A 96 -6.47 8.15 13.67
C ASP A 96 -7.89 8.47 14.12
N LEU A 97 -8.82 8.43 13.17
CA LEU A 97 -10.24 8.65 13.46
C LEU A 97 -10.82 7.63 14.47
N CYS A 98 -10.27 6.42 14.50
CA CYS A 98 -10.73 5.34 15.39
C CYS A 98 -9.83 5.18 16.62
N ASP A 99 -9.14 6.26 16.98
CA ASP A 99 -8.31 6.32 18.19
C ASP A 99 -7.15 5.32 18.19
N ARG A 100 -6.64 5.04 17.00
CA ARG A 100 -5.43 4.26 16.76
C ARG A 100 -5.47 2.82 17.30
N THR A 101 -6.62 2.18 17.15
CA THR A 101 -6.73 0.72 17.12
C THR A 101 -7.88 0.38 16.20
N PHE A 102 -7.75 -0.77 15.52
CA PHE A 102 -8.86 -1.34 14.78
C PHE A 102 -9.24 -2.65 15.44
N SER A 103 -10.53 -2.93 15.41
CA SER A 103 -11.04 -4.22 15.82
C SER A 103 -10.48 -5.33 14.95
N LEU A 104 -10.53 -6.53 15.50
CA LEU A 104 -10.17 -7.72 14.75
C LEU A 104 -11.01 -7.85 13.48
N LYS A 105 -12.32 -7.62 13.56
CA LYS A 105 -13.16 -7.71 12.38
C LYS A 105 -12.71 -6.74 11.28
N THR A 106 -12.45 -5.51 11.66
CA THR A 106 -11.96 -4.53 10.69
C THR A 106 -10.61 -4.94 10.08
N VAL A 107 -9.67 -5.39 10.92
CA VAL A 107 -8.36 -5.79 10.43
C VAL A 107 -8.48 -7.00 9.48
N LEU A 108 -9.34 -7.95 9.79
CA LEU A 108 -9.51 -9.11 8.91
C LEU A 108 -10.16 -8.74 7.58
N MET A 109 -11.17 -7.87 7.59
CA MET A 109 -11.75 -7.39 6.32
C MET A 109 -10.70 -6.69 5.47
N ILE A 110 -9.88 -5.86 6.12
CA ILE A 110 -8.74 -5.22 5.47
C ILE A 110 -7.74 -6.29 4.94
N ALA A 111 -7.34 -7.24 5.80
CA ALA A 111 -6.34 -8.24 5.44
C ALA A 111 -6.78 -9.16 4.29
N ILE A 112 -8.00 -9.67 4.38
CA ILE A 112 -8.53 -10.53 3.33
C ILE A 112 -8.46 -9.82 1.95
N GLN A 113 -8.91 -8.57 1.90
CA GLN A 113 -8.85 -7.76 0.67
C GLN A 113 -7.44 -7.46 0.20
N LEU A 114 -6.53 -7.18 1.14
CA LEU A 114 -5.20 -6.77 0.73
C LEU A 114 -4.31 -7.94 0.32
N ILE A 115 -4.55 -9.13 0.85
CA ILE A 115 -3.91 -10.34 0.31
C ILE A 115 -4.31 -10.50 -1.15
N SER A 116 -5.60 -10.31 -1.42
CA SER A 116 -6.10 -10.35 -2.81
C SER A 116 -5.55 -9.24 -3.70
N ARG A 117 -5.48 -8.03 -3.17
CA ARG A 117 -4.93 -6.88 -3.87
C ARG A 117 -3.48 -7.15 -4.28
N MET A 118 -2.71 -7.66 -3.32
CA MET A 118 -1.31 -8.01 -3.55
C MET A 118 -1.15 -9.21 -4.52
N GLU A 119 -1.99 -10.22 -4.42
CA GLU A 119 -2.01 -11.30 -5.42
C GLU A 119 -2.26 -10.78 -6.84
N TYR A 120 -3.18 -9.82 -6.98
CA TYR A 120 -3.44 -9.19 -8.26
C TYR A 120 -2.18 -8.47 -8.80
N VAL A 121 -1.55 -7.61 -7.99
CA VAL A 121 -0.32 -6.90 -8.37
C VAL A 121 0.73 -7.93 -8.82
N HIS A 122 0.95 -8.96 -8.01
CA HIS A 122 1.91 -10.00 -8.32
C HIS A 122 1.57 -10.75 -9.61
N SER A 123 0.28 -10.87 -9.93
CA SER A 123 -0.17 -11.60 -11.11
C SER A 123 0.16 -10.82 -12.37
N LYS A 124 0.41 -9.52 -12.20
CA LYS A 124 0.81 -8.66 -13.30
C LYS A 124 2.34 -8.50 -13.35
N ASN A 125 3.04 -9.40 -12.68
CA ASN A 125 4.52 -9.49 -12.69
C ASN A 125 5.21 -8.33 -11.97
N LEU A 126 4.47 -7.65 -11.09
CA LEU A 126 5.02 -6.56 -10.29
C LEU A 126 5.08 -6.92 -8.82
N ILE A 127 6.12 -6.43 -8.15
CA ILE A 127 6.14 -6.29 -6.69
C ILE A 127 6.00 -4.82 -6.32
N TYR A 128 5.42 -4.60 -5.16
CA TYR A 128 4.91 -3.29 -4.76
C TYR A 128 5.96 -2.45 -4.00
N ARG A 129 6.51 -3.02 -2.93
CA ARG A 129 7.65 -2.45 -2.20
C ARG A 129 7.41 -1.15 -1.42
N ASP A 130 6.15 -0.76 -1.23
CA ASP A 130 5.85 0.45 -0.47
C ASP A 130 4.62 0.28 0.43
N VAL A 131 4.55 -0.85 1.12
CA VAL A 131 3.41 -1.12 2.02
C VAL A 131 3.47 -0.12 3.18
N LYS A 132 2.36 0.59 3.38
CA LYS A 132 2.14 1.45 4.53
C LYS A 132 0.67 1.85 4.54
N PRO A 133 0.12 2.15 5.73
CA PRO A 133 -1.31 2.48 5.83
C PRO A 133 -1.72 3.69 5.00
N GLU A 134 -0.79 4.61 4.76
CA GLU A 134 -1.05 5.79 3.94
C GLU A 134 -1.30 5.50 2.46
N ASN A 135 -0.94 4.29 2.00
CA ASN A 135 -1.05 3.88 0.59
C ASN A 135 -2.26 2.99 0.28
N PHE A 136 -3.10 2.81 1.29
CA PHE A 136 -4.34 2.07 1.13
C PHE A 136 -5.51 2.98 1.47
N LEU A 137 -6.34 3.27 0.48
CA LEU A 137 -7.39 4.29 0.57
C LEU A 137 -8.77 3.69 0.32
N ILE A 138 -9.75 4.09 1.11
CA ILE A 138 -11.14 3.76 0.78
C ILE A 138 -11.58 4.61 -0.42
N GLY A 139 -12.73 4.26 -1.00
CA GLY A 139 -13.29 5.05 -2.07
C GLY A 139 -13.88 6.33 -1.51
N ARG A 140 -14.31 7.22 -2.38
CA ARG A 140 -14.86 8.49 -1.90
C ARG A 140 -16.09 8.31 -1.02
N PRO A 141 -16.04 8.90 0.20
CA PRO A 141 -17.22 8.81 1.06
C PRO A 141 -18.47 9.20 0.27
N GLY A 142 -19.45 8.31 0.24
CA GLY A 142 -20.69 8.54 -0.49
C GLY A 142 -20.85 7.69 -1.73
N ASN A 143 -19.74 7.39 -2.43
CA ASN A 143 -19.85 6.64 -3.70
C ASN A 143 -19.86 5.10 -3.54
N LYS A 144 -20.05 4.40 -4.66
CA LYS A 144 -20.24 2.95 -4.70
C LYS A 144 -19.01 2.13 -4.38
N THR A 145 -17.85 2.78 -4.24
CA THR A 145 -16.60 2.10 -3.93
C THR A 145 -16.00 2.53 -2.60
N GLN A 146 -16.77 3.25 -1.77
CA GLN A 146 -16.27 3.67 -0.43
C GLN A 146 -15.84 2.48 0.39
N GLN A 147 -16.45 1.34 0.14
CA GLN A 147 -16.16 0.13 0.91
C GLN A 147 -14.86 -0.57 0.48
N VAL A 148 -14.39 -0.28 -0.73
CA VAL A 148 -13.24 -0.95 -1.31
C VAL A 148 -11.95 -0.31 -0.83
N ILE A 149 -11.03 -1.14 -0.36
CA ILE A 149 -9.70 -0.66 0.01
C ILE A 149 -8.82 -0.72 -1.25
N HIS A 150 -8.40 0.46 -1.71
CA HIS A 150 -7.58 0.63 -2.90
C HIS A 150 -6.10 0.67 -2.55
N ILE A 151 -5.25 0.29 -3.49
CA ILE A 151 -3.80 0.43 -3.33
C ILE A 151 -3.32 1.55 -4.27
N ILE A 152 -2.51 2.45 -3.75
CA ILE A 152 -2.00 3.57 -4.53
C ILE A 152 -0.46 3.63 -4.49
N ASP A 153 0.09 4.49 -5.34
CA ASP A 153 1.50 4.87 -5.35
C ASP A 153 2.40 3.72 -5.79
N PHE A 154 2.58 3.61 -7.09
CA PHE A 154 3.42 2.54 -7.65
C PHE A 154 4.80 3.04 -8.07
N ALA A 155 5.24 4.16 -7.50
CA ALA A 155 6.53 4.75 -7.85
C ALA A 155 7.70 3.84 -7.44
N LEU A 156 7.49 3.04 -6.41
CA LEU A 156 8.55 2.14 -5.90
C LEU A 156 8.44 0.70 -6.41
N ALA A 157 7.52 0.41 -7.32
CA ALA A 157 7.29 -0.96 -7.80
C ALA A 157 8.44 -1.47 -8.71
N LYS A 158 8.43 -2.78 -8.96
CA LYS A 158 9.45 -3.38 -9.83
C LYS A 158 8.84 -4.61 -10.47
N GLU A 159 9.18 -4.82 -11.74
CA GLU A 159 8.91 -6.09 -12.42
C GLU A 159 9.80 -7.19 -11.87
N TYR A 160 9.20 -8.16 -11.17
CA TYR A 160 9.98 -9.28 -10.60
C TYR A 160 10.14 -10.44 -11.58
N ILE A 161 9.39 -10.41 -12.68
CA ILE A 161 9.62 -11.27 -13.84
C ILE A 161 10.16 -10.35 -14.96
N ASP A 162 11.41 -10.56 -15.32
CA ASP A 162 12.08 -9.75 -16.32
C ASP A 162 11.48 -10.09 -17.68
N PRO A 163 10.91 -9.09 -18.38
CA PRO A 163 10.31 -9.41 -19.67
C PRO A 163 11.37 -9.79 -20.72
N GLU A 164 12.62 -9.38 -20.50
CA GLU A 164 13.73 -9.77 -21.36
C GLU A 164 13.97 -11.29 -21.25
N THR A 165 14.07 -11.78 -20.02
CA THR A 165 14.37 -13.20 -19.77
C THR A 165 13.11 -14.07 -19.60
N LYS A 166 11.99 -13.46 -19.25
CA LYS A 166 10.77 -14.16 -18.84
C LYS A 166 10.96 -15.01 -17.56
N LYS A 167 12.04 -14.77 -16.83
CA LYS A 167 12.33 -15.48 -15.59
C LYS A 167 12.31 -14.51 -14.42
N HIS A 168 12.05 -15.05 -13.24
CA HIS A 168 12.14 -14.31 -11.99
C HIS A 168 13.49 -13.58 -11.90
N ILE A 169 13.47 -12.35 -11.38
CA ILE A 169 14.70 -11.59 -11.18
C ILE A 169 15.67 -12.37 -10.29
N PRO A 170 16.98 -12.20 -10.52
CA PRO A 170 17.95 -12.93 -9.71
C PRO A 170 18.00 -12.43 -8.27
N TYR A 171 18.45 -13.31 -7.37
CA TYR A 171 18.72 -12.88 -6.01
C TYR A 171 19.96 -12.00 -5.99
N ARG A 172 19.90 -10.93 -5.21
CA ARG A 172 21.08 -10.17 -4.86
C ARG A 172 20.89 -9.39 -3.55
N GLU A 173 22.00 -8.78 -3.09
CA GLU A 173 22.04 -8.02 -1.85
C GLU A 173 22.62 -6.62 -2.10
N HIS A 174 22.95 -5.90 -1.02
CA HIS A 174 23.41 -4.49 -1.08
C HIS A 174 22.44 -3.61 -1.87
N LYS A 175 21.14 -3.82 -1.63
CA LYS A 175 20.11 -2.97 -2.23
C LYS A 175 19.83 -1.82 -1.26
N SER A 176 19.56 -0.65 -1.82
CA SER A 176 19.19 0.51 -1.02
C SER A 176 17.79 0.27 -0.46
N LEU A 177 17.58 0.63 0.79
CA LEU A 177 16.34 0.24 1.48
C LEU A 177 15.13 0.96 0.90
N THR A 178 14.14 0.18 0.46
CA THR A 178 12.91 0.71 -0.13
C THR A 178 11.76 0.65 0.88
N GLY A 179 11.01 1.75 0.96
CA GLY A 179 9.79 1.80 1.74
C GLY A 179 10.00 2.30 3.15
N THR A 180 8.96 2.13 3.95
CA THR A 180 8.89 2.70 5.29
C THR A 180 9.46 1.73 6.30
N ALA A 181 10.38 2.23 7.13
CA ALA A 181 11.09 1.39 8.10
C ALA A 181 10.14 0.63 9.03
N ARG A 182 9.02 1.25 9.42
CA ARG A 182 8.12 0.65 10.40
C ARG A 182 7.54 -0.69 9.91
N TYR A 183 7.29 -0.81 8.62
CA TYR A 183 6.57 -1.96 8.08
C TYR A 183 7.42 -2.94 7.30
N MET A 184 8.58 -2.50 6.85
CA MET A 184 9.34 -3.31 5.90
C MET A 184 9.75 -4.65 6.45
N SER A 185 9.96 -5.60 5.54
CA SER A 185 10.36 -6.93 5.93
C SER A 185 11.78 -6.93 6.52
N ILE A 186 12.05 -7.96 7.33
CA ILE A 186 13.38 -8.15 7.89
C ILE A 186 14.42 -8.27 6.77
N ASN A 187 14.12 -9.04 5.73
CA ASN A 187 15.06 -9.16 4.63
C ASN A 187 15.32 -7.85 3.87
N THR A 188 14.34 -6.94 3.84
CA THR A 188 14.56 -5.60 3.27
C THR A 188 15.61 -4.84 4.08
N HIS A 189 15.47 -4.88 5.40
CA HIS A 189 16.48 -4.33 6.31
C HIS A 189 17.88 -4.82 6.01
N LEU A 190 18.02 -6.10 5.67
CA LEU A 190 19.34 -6.67 5.40
C LEU A 190 19.88 -6.32 4.00
N GLY A 191 19.17 -5.49 3.24
CA GLY A 191 19.66 -5.05 1.93
C GLY A 191 19.46 -6.07 0.82
N LYS A 192 18.57 -7.04 1.05
CA LYS A 192 18.31 -8.05 0.05
C LYS A 192 17.31 -7.53 -0.98
N GLU A 193 17.47 -7.98 -2.22
CA GLU A 193 16.48 -7.73 -3.24
C GLU A 193 15.10 -8.15 -2.71
N GLN A 194 14.12 -7.28 -2.88
CA GLN A 194 12.75 -7.63 -2.49
C GLN A 194 12.06 -8.50 -3.52
N SER A 195 11.18 -9.38 -3.03
CA SER A 195 10.35 -10.21 -3.89
C SER A 195 8.94 -10.30 -3.32
N ARG A 196 8.13 -11.23 -3.83
CA ARG A 196 6.73 -11.28 -3.45
C ARG A 196 6.54 -11.45 -1.94
N ARG A 197 7.38 -12.30 -1.32
CA ARG A 197 7.34 -12.54 0.12
C ARG A 197 7.38 -11.26 0.96
N ASP A 198 8.23 -10.31 0.57
CA ASP A 198 8.42 -9.08 1.30
C ASP A 198 7.18 -8.20 1.33
N ASP A 199 6.40 -8.21 0.25
CA ASP A 199 5.14 -7.43 0.20
C ASP A 199 4.18 -7.95 1.24
N LEU A 200 4.10 -9.28 1.33
CA LEU A 200 3.21 -9.95 2.27
C LEU A 200 3.65 -9.83 3.74
N GLU A 201 4.95 -9.90 3.98
CA GLU A 201 5.49 -9.67 5.30
C GLU A 201 5.20 -8.24 5.79
N ALA A 202 5.42 -7.24 4.94
CA ALA A 202 5.11 -5.84 5.31
C ALA A 202 3.61 -5.65 5.63
N LEU A 203 2.75 -6.31 4.87
CA LEU A 203 1.32 -6.31 5.17
C LEU A 203 1.07 -6.85 6.58
N GLY A 204 1.73 -7.96 6.92
CA GLY A 204 1.67 -8.58 8.24
C GLY A 204 2.02 -7.63 9.37
N HIS A 205 3.15 -6.94 9.25
CA HIS A 205 3.53 -5.89 10.20
C HIS A 205 2.44 -4.82 10.34
N MET A 206 1.89 -4.39 9.20
CA MET A 206 0.83 -3.37 9.20
C MET A 206 -0.41 -3.90 9.92
N PHE A 207 -0.80 -5.15 9.68
CA PHE A 207 -1.96 -5.75 10.39
C PHE A 207 -1.76 -5.72 11.91
N MET A 208 -0.55 -6.06 12.36
CA MET A 208 -0.25 -6.05 13.80
C MET A 208 -0.22 -4.65 14.39
N TYR A 209 0.29 -3.69 13.61
CA TYR A 209 0.21 -2.28 13.97
C TYR A 209 -1.23 -1.86 14.24
N PHE A 210 -2.14 -2.22 13.35
CA PHE A 210 -3.56 -1.86 13.52
C PHE A 210 -4.16 -2.51 14.78
N LEU A 211 -3.85 -3.77 14.99
CA LEU A 211 -4.41 -4.55 16.11
C LEU A 211 -3.87 -4.13 17.47
N ARG A 212 -2.56 -3.87 17.53
CA ARG A 212 -1.86 -3.52 18.76
C ARG A 212 -1.97 -2.06 19.08
N GLY A 213 -2.08 -1.23 18.03
CA GLY A 213 -2.04 0.22 18.17
C GLY A 213 -0.66 0.79 17.90
N SER A 214 0.37 -0.06 17.96
CA SER A 214 1.76 0.32 17.70
C SER A 214 2.58 -0.94 17.45
N LEU A 215 3.80 -0.76 16.95
CA LEU A 215 4.80 -1.83 16.86
C LEU A 215 5.98 -1.51 17.79
N PRO A 216 6.62 -2.56 18.36
CA PRO A 216 7.66 -2.32 19.39
C PRO A 216 8.96 -1.66 18.90
N TRP A 217 9.14 -1.57 17.60
CA TRP A 217 10.30 -0.93 17.03
C TRP A 217 10.01 0.52 16.56
N GLN A 218 8.82 1.01 16.83
CA GLN A 218 8.48 2.41 16.54
C GLN A 218 9.25 3.33 17.46
N GLY A 219 9.63 4.50 16.96
CA GLY A 219 10.27 5.49 17.80
C GLY A 219 11.69 5.18 18.21
N LEU A 220 12.29 4.14 17.63
CA LEU A 220 13.73 3.96 17.75
C LEU A 220 14.39 5.10 16.98
N LYS A 221 15.41 5.71 17.58
CA LYS A 221 16.17 6.77 16.94
C LYS A 221 17.66 6.39 16.88
N ALA A 222 18.35 6.95 15.90
CA ALA A 222 19.81 6.84 15.81
C ALA A 222 20.37 8.12 15.19
N ASP A 223 21.68 8.32 15.32
CA ASP A 223 22.32 9.52 14.78
C ASP A 223 22.26 9.61 13.25
N THR A 224 22.23 8.47 12.57
CA THR A 224 22.02 8.43 11.14
C THR A 224 20.83 7.57 10.76
N LEU A 225 20.35 7.77 9.55
CA LEU A 225 19.22 7.04 9.02
C LEU A 225 19.56 5.56 8.88
N LYS A 226 20.77 5.28 8.38
CA LYS A 226 21.26 3.90 8.26
C LYS A 226 21.26 3.17 9.61
N GLU A 227 21.75 3.82 10.66
CA GLU A 227 21.83 3.19 11.98
C GLU A 227 20.42 2.96 12.54
N ARG A 228 19.54 3.92 12.29
CA ARG A 228 18.16 3.80 12.71
C ARG A 228 17.46 2.59 12.06
N TYR A 229 17.58 2.45 10.74
CA TYR A 229 17.08 1.27 10.02
C TYR A 229 17.63 -0.02 10.62
N GLN A 230 18.94 -0.05 10.89
CA GLN A 230 19.58 -1.24 11.46
C GLN A 230 19.00 -1.59 12.84
N LYS A 231 18.78 -0.59 13.69
CA LYS A 231 18.19 -0.84 15.02
C LYS A 231 16.76 -1.39 14.97
N ILE A 232 15.94 -0.81 14.09
CA ILE A 232 14.58 -1.28 13.81
C ILE A 232 14.61 -2.73 13.32
N GLY A 233 15.49 -3.00 12.37
CA GLY A 233 15.74 -4.38 11.91
C GLY A 233 16.17 -5.33 13.01
N ASP A 234 17.07 -4.88 13.87
CA ASP A 234 17.53 -5.71 14.99
C ASP A 234 16.37 -6.02 15.94
N THR A 235 15.53 -5.03 16.22
CA THR A 235 14.37 -5.24 17.09
C THR A 235 13.34 -6.16 16.46
N LYS A 236 13.06 -5.99 15.17
CA LYS A 236 12.22 -6.96 14.47
C LYS A 236 12.74 -8.39 14.60
N ARG A 237 14.05 -8.59 14.37
CA ARG A 237 14.65 -9.91 14.52
C ARG A 237 14.58 -10.41 15.97
N ALA A 238 14.71 -9.51 16.96
CA ALA A 238 14.75 -9.88 18.39
C ALA A 238 13.37 -10.07 19.04
N THR A 239 12.31 -9.70 18.33
CA THR A 239 10.96 -9.78 18.87
C THR A 239 10.31 -11.07 18.36
N PRO A 240 10.14 -12.08 19.25
CA PRO A 240 9.51 -13.31 18.77
C PRO A 240 8.14 -13.05 18.18
N ILE A 241 7.82 -13.75 17.10
CA ILE A 241 6.50 -13.67 16.47
C ILE A 241 5.39 -14.00 17.47
N GLU A 242 5.63 -15.00 18.31
CA GLU A 242 4.69 -15.42 19.37
C GLU A 242 4.39 -14.29 20.34
N VAL A 243 5.39 -13.45 20.58
CA VAL A 243 5.22 -12.29 21.46
C VAL A 243 4.52 -11.13 20.71
N LEU A 244 5.03 -10.78 19.54
CA LEU A 244 4.43 -9.73 18.74
C LEU A 244 2.94 -10.00 18.48
N CYS A 245 2.62 -11.26 18.24
CA CYS A 245 1.28 -11.65 17.85
C CYS A 245 0.55 -12.37 18.99
N GLU A 246 0.92 -12.04 20.22
CA GLU A 246 0.19 -12.54 21.39
C GLU A 246 -1.29 -12.19 21.26
N ASN A 247 -2.15 -13.17 21.50
CA ASN A 247 -3.61 -13.03 21.36
C ASN A 247 -4.13 -13.12 19.93
N PHE A 248 -3.24 -13.24 18.93
CA PHE A 248 -3.67 -13.39 17.54
C PHE A 248 -2.94 -14.56 16.88
N PRO A 249 -3.32 -15.81 17.25
CA PRO A 249 -2.61 -16.99 16.74
C PRO A 249 -2.51 -17.04 15.21
N GLU A 250 -3.57 -16.63 14.52
CA GLU A 250 -3.61 -16.68 13.05
C GLU A 250 -2.61 -15.71 12.41
N MET A 251 -2.43 -14.57 13.06
CA MET A 251 -1.44 -13.61 12.62
C MET A 251 -0.02 -14.13 12.79
N ALA A 252 0.23 -14.85 13.89
CA ALA A 252 1.55 -15.50 14.09
C ALA A 252 1.80 -16.53 12.98
N THR A 253 0.79 -17.34 12.69
CA THR A 253 0.91 -18.30 11.60
C THR A 253 1.20 -17.63 10.25
N TYR A 254 0.45 -16.56 9.95
CA TYR A 254 0.68 -15.77 8.74
C TYR A 254 2.12 -15.24 8.68
N LEU A 255 2.58 -14.62 9.77
CA LEU A 255 3.88 -13.96 9.78
C LEU A 255 5.02 -14.95 9.65
N ARG A 256 4.92 -16.06 10.39
CA ARG A 256 5.93 -17.12 10.30
C ARG A 256 6.01 -17.69 8.87
N TYR A 257 4.84 -17.92 8.26
CA TYR A 257 4.79 -18.43 6.89
C TYR A 257 5.50 -17.49 5.94
N VAL A 258 5.14 -16.20 5.97
CA VAL A 258 5.71 -15.28 4.98
C VAL A 258 7.20 -15.00 5.25
N ARG A 259 7.61 -14.97 6.53
CA ARG A 259 9.01 -14.79 6.88
C ARG A 259 9.87 -15.96 6.35
N ARG A 260 9.29 -17.14 6.26
CA ARG A 260 10.02 -18.33 5.83
C ARG A 260 9.98 -18.61 4.33
N LEU A 261 9.25 -17.79 3.57
CA LEU A 261 9.20 -18.00 2.12
C LEU A 261 10.58 -17.84 1.48
N ASP A 262 10.89 -18.68 0.51
CA ASP A 262 12.08 -18.52 -0.30
C ASP A 262 11.93 -17.27 -1.22
N PHE A 263 13.06 -16.69 -1.61
CA PHE A 263 13.11 -15.52 -2.48
C PHE A 263 12.29 -15.67 -3.75
N PHE A 264 12.39 -16.83 -4.39
CA PHE A 264 11.73 -17.09 -5.68
C PHE A 264 10.29 -17.60 -5.54
N GLU A 265 9.89 -17.96 -4.33
CA GLU A 265 8.67 -18.74 -4.10
C GLU A 265 7.37 -17.99 -4.36
N LYS A 266 6.41 -18.64 -5.02
CA LYS A 266 5.06 -18.08 -5.11
C LYS A 266 4.34 -18.29 -3.78
N PRO A 267 3.90 -17.19 -3.12
CA PRO A 267 3.13 -17.37 -1.90
C PRO A 267 1.86 -18.15 -2.16
N ASP A 268 1.44 -18.96 -1.20
CA ASP A 268 0.14 -19.61 -1.28
C ASP A 268 -0.92 -18.64 -0.75
N TYR A 269 -1.44 -17.79 -1.65
CA TYR A 269 -2.40 -16.74 -1.29
C TYR A 269 -3.70 -17.32 -0.73
N ASP A 270 -4.12 -18.45 -1.28
CA ASP A 270 -5.32 -19.15 -0.82
C ASP A 270 -5.20 -19.57 0.64
N TYR A 271 -4.07 -20.20 0.95
CA TYR A 271 -3.75 -20.62 2.32
C TYR A 271 -3.84 -19.44 3.31
N LEU A 272 -3.24 -18.31 2.93
CA LEU A 272 -3.20 -17.15 3.81
C LEU A 272 -4.58 -16.54 4.00
N ARG A 273 -5.35 -16.43 2.90
CA ARG A 273 -6.71 -15.93 3.00
C ARG A 273 -7.54 -16.84 3.91
N LYS A 274 -7.35 -18.16 3.76
CA LYS A 274 -8.16 -19.10 4.53
C LYS A 274 -7.82 -19.09 6.00
N LEU A 275 -6.56 -18.82 6.35
CA LEU A 275 -6.21 -18.56 7.76
C LEU A 275 -7.17 -17.52 8.33
N PHE A 276 -7.38 -16.43 7.59
CA PHE A 276 -8.17 -15.30 8.09
C PHE A 276 -9.68 -15.46 7.90
N THR A 277 -10.12 -16.10 6.81
CA THR A 277 -11.55 -16.33 6.62
C THR A 277 -12.08 -17.38 7.60
N ASP A 278 -11.29 -18.42 7.91
CA ASP A 278 -11.69 -19.42 8.92
C ASP A 278 -11.84 -18.78 10.30
N LEU A 279 -10.88 -17.93 10.67
CA LEU A 279 -10.95 -17.14 11.91
C LEU A 279 -12.20 -16.25 11.93
N PHE A 280 -12.40 -15.54 10.83
CA PHE A 280 -13.53 -14.64 10.65
C PHE A 280 -14.85 -15.38 10.92
N ASP A 281 -14.98 -16.55 10.32
CA ASP A 281 -16.14 -17.43 10.54
C ASP A 281 -16.25 -17.94 11.99
N ARG A 282 -15.14 -18.35 12.58
CA ARG A 282 -15.13 -18.86 13.98
C ARG A 282 -15.59 -17.78 14.97
N LYS A 283 -15.25 -16.53 14.67
CA LYS A 283 -15.65 -15.41 15.51
C LYS A 283 -17.09 -14.99 15.24
N GLY A 284 -17.66 -15.54 14.17
CA GLY A 284 -19.06 -15.25 13.81
C GLY A 284 -19.23 -13.91 13.12
N TYR A 285 -18.16 -13.39 12.53
CA TYR A 285 -18.21 -12.12 11.82
C TYR A 285 -18.92 -12.30 10.48
N MET A 286 -19.65 -11.27 10.05
CA MET A 286 -20.14 -11.21 8.67
C MET A 286 -19.32 -10.17 7.93
N PHE A 287 -18.92 -10.52 6.72
CA PHE A 287 -18.19 -9.62 5.86
C PHE A 287 -19.21 -8.67 5.23
N ASP A 288 -19.55 -7.65 5.99
CA ASP A 288 -20.61 -6.70 5.62
C ASP A 288 -20.07 -5.29 5.41
N TYR A 289 -18.74 -5.16 5.41
CA TYR A 289 -18.04 -3.90 5.22
C TYR A 289 -18.40 -2.83 6.28
N GLU A 290 -18.85 -3.26 7.46
CA GLU A 290 -19.09 -2.36 8.58
C GLU A 290 -17.78 -2.23 9.34
N TYR A 291 -16.85 -1.51 8.74
CA TYR A 291 -15.59 -1.18 9.37
C TYR A 291 -15.80 -0.29 10.59
N ASP A 292 -14.78 -0.21 11.44
CA ASP A 292 -14.86 0.60 12.64
C ASP A 292 -15.20 2.06 12.36
N TRP A 293 -14.79 2.56 11.19
CA TRP A 293 -14.98 3.98 10.86
C TRP A 293 -16.37 4.32 10.33
N ILE A 294 -17.17 3.31 10.03
CA ILE A 294 -18.51 3.52 9.52
C ILE A 294 -19.33 4.21 10.64
N GLY A 295 -20.06 5.26 10.29
CA GLY A 295 -20.77 6.04 11.29
C GLY A 295 -20.00 7.25 11.80
N LYS A 296 -18.69 7.32 11.53
CA LYS A 296 -17.89 8.47 11.93
C LYS A 296 -17.88 9.51 10.83
N GLN A 297 -17.40 10.70 11.16
CA GLN A 297 -17.31 11.79 10.19
C GLN A 297 -16.06 11.57 9.35
N LEU A 298 -16.24 11.13 8.11
CA LEU A 298 -15.09 10.79 7.26
C LEU A 298 -14.64 12.01 6.50
N PRO A 299 -13.33 12.32 6.54
CA PRO A 299 -12.78 13.36 5.67
C PRO A 299 -13.07 13.07 4.18
N THR A 300 -13.11 14.13 3.37
CA THR A 300 -13.39 14.00 1.94
C THR A 300 -12.54 15.02 1.17
N PRO A 301 -12.06 14.66 -0.04
CA PRO A 301 -11.27 15.61 -0.82
C PRO A 301 -12.07 16.74 -1.51
N VAL A 302 -13.36 16.56 -1.74
CA VAL A 302 -14.18 17.63 -2.32
C VAL A 302 -15.06 18.27 -1.24
CL1 P01 B . -10.24 12.64 2.27
C5A P01 B . -8.86 12.91 1.26
C6A P01 B . -8.67 12.11 0.12
C1A P01 B . -7.56 12.30 -0.71
C2A P01 B . -6.65 13.32 -0.39
C3A P01 B . -6.85 14.11 0.74
C4A P01 B . -7.95 13.91 1.56
N6 P01 B . -7.42 11.51 -1.80
C6 P01 B . -6.27 10.95 -2.22
C5 P01 B . -6.18 10.32 -3.48
N7 P01 B . -7.05 10.12 -4.44
C4 P01 B . -4.97 9.76 -3.88
N9 P01 B . -5.18 9.24 -5.06
C10 P01 B . -4.15 8.55 -5.88
C11 P01 B . -4.77 7.42 -6.69
C12 P01 B . -3.47 9.60 -6.79
C8 P01 B . -6.45 9.44 -5.42
N3 P01 B . -3.89 9.84 -3.08
C2 P01 B . -4.01 10.45 -1.89
N1 P01 B . -5.17 10.97 -1.48
N21 P01 B . -2.94 10.49 -1.09
C22 P01 B . -3.03 10.85 0.34
C25 P01 B . -1.92 11.85 0.67
C26 P01 B . -1.88 13.00 -0.38
C27 P01 B . -2.12 12.36 2.11
C23 P01 B . -2.94 9.62 1.29
O24 P01 B . -1.70 8.93 1.07
C1 EDO C . 1.28 -23.86 3.47
C1 EDO C . 0.94 -25.00 5.37
O1 EDO C . 1.22 -24.62 4.69
O1 EDO C . 0.44 -26.05 6.19
C2 EDO C . 0.46 -24.53 2.37
C2 EDO C . 0.08 -24.83 4.13
O2 EDO C . 0.95 -24.09 1.09
O2 EDO C . 0.45 -23.62 3.45
P PO4 D . 8.67 5.12 13.37
O1 PO4 D . 8.02 3.75 13.28
O2 PO4 D . 7.69 6.23 13.60
O3 PO4 D . 9.63 5.10 14.54
O4 PO4 D . 9.40 5.33 12.07
#